data_5KWI
#
_entry.id   5KWI
#
_cell.length_a   63.405
_cell.length_b   63.405
_cell.length_c   160.210
_cell.angle_alpha   90.00
_cell.angle_beta   90.00
_cell.angle_gamma   90.00
#
_symmetry.space_group_name_H-M   'P 43 21 2'
#
loop_
_entity.id
_entity.type
_entity.pdbx_description
1 polymer 'Diacylglycerol acyltransferase/mycolyltransferase Ag85C'
2 non-polymer ~{N}-(1-adamantyl)-2-selanyl-benzamide
3 water water
#
_entity_poly.entity_id   1
_entity_poly.type   'polypeptide(L)'
_entity_poly.pdbx_seq_one_letter_code
;MFSRPGLPVEYLQVPSASMGRDIKVQFQGGGPHAVYLLDGLRAQDDYNGWDINTPAFEEYYQSGLSVIMPVGGQSSFYTD
WYQPSQSNGQNYTYKWETFLTREMPAWLQANKGVSPTGNAAVGLSMSGGSALILAAYYPQQFPYAASLSGFLNPSEGWWP
TLIGLAMNDSGGYNANSMWGPSSDPAWKRNDPMVQIPRLVANNTRIWVYCGNGTPSDLGGDNIPAKFLEGLTLRTNQTFR
DTYAADGGRNGVFNFPPNGTHSWPYWNEQLVAMKADIQHVLNGATPPAAPAAPAALEHHHHHH
;
_entity_poly.pdbx_strand_id   A
#
# COMPACT_ATOMS: atom_id res chain seq x y z
N MET A 1 -6.67 16.15 -11.22
CA MET A 1 -7.64 15.09 -10.93
C MET A 1 -7.91 14.26 -12.17
N PHE A 2 -7.79 12.93 -12.02
CA PHE A 2 -8.02 11.98 -13.11
C PHE A 2 -7.04 12.14 -14.28
N SER A 3 -7.21 11.30 -15.30
CA SER A 3 -6.34 11.33 -16.47
C SER A 3 -7.11 11.79 -17.70
N ARG A 4 -6.37 12.16 -18.75
CA ARG A 4 -6.99 12.67 -19.97
C ARG A 4 -7.94 11.65 -20.59
N PRO A 5 -8.98 12.13 -21.30
CA PRO A 5 -9.92 11.24 -21.99
C PRO A 5 -9.22 10.43 -23.08
N GLY A 6 -9.77 9.26 -23.39
CA GLY A 6 -9.28 8.48 -24.52
C GLY A 6 -8.30 7.38 -24.20
N LEU A 7 -7.93 7.24 -22.93
CA LEU A 7 -7.02 6.18 -22.51
C LEU A 7 -7.76 4.84 -22.40
N PRO A 8 -7.06 3.72 -22.59
CA PRO A 8 -7.74 2.43 -22.51
C PRO A 8 -7.89 1.96 -21.05
N VAL A 9 -8.60 2.75 -20.26
CA VAL A 9 -8.87 2.43 -18.86
C VAL A 9 -10.19 1.65 -18.78
N GLU A 10 -10.14 0.49 -18.14
CA GLU A 10 -11.30 -0.39 -18.00
C GLU A 10 -11.71 -0.47 -16.55
N TYR A 11 -13.01 -0.56 -16.30
CA TYR A 11 -13.53 -0.76 -14.95
C TYR A 11 -13.99 -2.21 -14.87
N LEU A 12 -13.22 -3.03 -14.17
CA LEU A 12 -13.43 -4.46 -14.14
C LEU A 12 -14.11 -4.89 -12.85
N GLN A 13 -14.84 -5.99 -12.90
CA GLN A 13 -15.43 -6.58 -11.70
C GLN A 13 -14.79 -7.95 -11.49
N VAL A 14 -13.96 -8.06 -10.46
CA VAL A 14 -13.20 -9.28 -10.23
C VAL A 14 -13.77 -10.04 -9.04
N PRO A 15 -14.29 -11.25 -9.28
CA PRO A 15 -14.89 -12.01 -8.18
C PRO A 15 -13.88 -12.34 -7.07
N SER A 16 -14.29 -12.14 -5.82
CA SER A 16 -13.51 -12.60 -4.67
C SER A 16 -14.29 -13.67 -3.90
N ALA A 17 -13.85 -14.91 -4.01
CA ALA A 17 -14.50 -15.98 -3.25
C ALA A 17 -14.31 -15.75 -1.76
N SER A 18 -13.13 -15.29 -1.35
CA SER A 18 -12.84 -15.11 0.07
C SER A 18 -13.72 -14.03 0.72
N MET A 19 -14.07 -12.99 -0.04
CA MET A 19 -14.91 -11.91 0.48
C MET A 19 -16.38 -12.00 0.08
N GLY A 20 -16.70 -12.96 -0.78
CA GLY A 20 -18.08 -13.19 -1.17
C GLY A 20 -18.69 -12.05 -1.97
N ARG A 21 -17.88 -11.37 -2.77
CA ARG A 21 -18.37 -10.26 -3.56
C ARG A 21 -17.38 -9.94 -4.66
N ASP A 22 -17.83 -9.18 -5.66
CA ASP A 22 -16.95 -8.66 -6.68
C ASP A 22 -16.18 -7.47 -6.16
N ILE A 23 -14.91 -7.38 -6.53
CA ILE A 23 -14.08 -6.22 -6.23
C ILE A 23 -13.89 -5.43 -7.53
N LYS A 24 -14.21 -4.15 -7.51
CA LYS A 24 -13.98 -3.29 -8.67
C LYS A 24 -12.47 -3.02 -8.80
N VAL A 25 -11.96 -3.10 -10.02
CA VAL A 25 -10.55 -2.84 -10.29
C VAL A 25 -10.46 -1.95 -11.53
N GLN A 26 -9.81 -0.79 -11.40
CA GLN A 26 -9.58 0.04 -12.57
C GLN A 26 -8.28 -0.41 -13.21
N PHE A 27 -8.28 -0.63 -14.52
CA PHE A 27 -7.18 -1.32 -15.19
C PHE A 27 -6.79 -0.68 -16.51
N GLN A 28 -5.50 -0.49 -16.73
CA GLN A 28 -5.00 -0.03 -18.02
C GLN A 28 -3.94 -1.02 -18.51
N GLY A 29 -4.31 -1.86 -19.48
CA GLY A 29 -3.41 -2.87 -19.99
C GLY A 29 -2.31 -2.24 -20.82
N GLY A 30 -1.07 -2.63 -20.57
CA GLY A 30 0.05 -2.07 -21.30
C GLY A 30 1.32 -2.92 -21.24
N GLY A 31 1.16 -4.22 -21.00
CA GLY A 31 2.29 -5.12 -20.90
C GLY A 31 2.03 -6.21 -19.88
N PRO A 32 2.82 -7.29 -19.93
CA PRO A 32 2.55 -8.43 -19.03
C PRO A 32 2.90 -8.14 -17.56
N HIS A 33 3.78 -7.20 -17.27
CA HIS A 33 4.07 -6.85 -15.88
C HIS A 33 3.34 -5.57 -15.51
N ALA A 34 3.02 -5.42 -14.23
CA ALA A 34 2.12 -4.37 -13.78
C ALA A 34 2.60 -3.66 -12.53
N VAL A 35 2.14 -2.42 -12.40
CA VAL A 35 2.23 -1.67 -11.16
C VAL A 35 0.88 -1.75 -10.45
N TYR A 36 0.86 -2.31 -9.24
CA TYR A 36 -0.33 -2.34 -8.38
C TYR A 36 -0.32 -1.05 -7.58
N LEU A 37 -1.28 -0.17 -7.84
CA LEU A 37 -1.38 1.11 -7.13
C LEU A 37 -2.41 1.01 -6.01
N LEU A 38 -1.92 0.92 -4.78
CA LEU A 38 -2.78 0.72 -3.61
C LEU A 38 -3.18 2.06 -3.02
N ASP A 39 -4.40 2.14 -2.49
CA ASP A 39 -5.00 3.38 -2.02
C ASP A 39 -4.67 3.65 -0.54
N GLY A 40 -5.07 4.83 -0.06
CA GLY A 40 -4.83 5.22 1.32
C GLY A 40 -5.94 4.78 2.28
N LEU A 41 -5.86 5.27 3.52
CA LEU A 41 -6.74 4.84 4.61
C LEU A 41 -8.22 5.05 4.30
N ARG A 42 -8.54 6.12 3.58
CA ARG A 42 -9.93 6.48 3.35
C ARG A 42 -10.44 6.02 1.98
N ALA A 43 -9.84 4.93 1.46
CA ALA A 43 -10.22 4.34 0.18
C ALA A 43 -11.73 4.18 0.05
N GLN A 44 -12.27 4.68 -1.05
CA GLN A 44 -13.71 4.62 -1.29
C GLN A 44 -14.06 3.58 -2.36
N ASP A 45 -15.35 3.31 -2.51
CA ASP A 45 -15.81 2.23 -3.39
C ASP A 45 -16.09 2.66 -4.82
N ASP A 46 -15.92 3.95 -5.13
CA ASP A 46 -16.15 4.43 -6.49
C ASP A 46 -14.90 4.43 -7.37
N TYR A 47 -13.84 5.09 -6.92
CA TYR A 47 -12.58 5.14 -7.66
C TYR A 47 -11.44 5.07 -6.68
N ASN A 48 -10.32 4.52 -7.13
CA ASN A 48 -9.08 4.52 -6.36
C ASN A 48 -8.55 5.95 -6.28
N GLY A 49 -8.05 6.33 -5.10
CA GLY A 49 -7.52 7.66 -4.88
C GLY A 49 -6.41 8.11 -5.83
N TRP A 50 -5.65 7.16 -6.38
CA TRP A 50 -4.65 7.50 -7.38
C TRP A 50 -5.32 8.08 -8.62
N ASP A 51 -6.45 7.53 -9.02
CA ASP A 51 -7.15 8.05 -10.19
C ASP A 51 -7.80 9.40 -9.85
N ILE A 52 -8.47 9.50 -8.72
CA ILE A 52 -9.16 10.75 -8.37
C ILE A 52 -8.20 11.92 -8.31
N ASN A 53 -7.03 11.69 -7.72
CA ASN A 53 -6.15 12.79 -7.35
C ASN A 53 -4.95 13.04 -8.24
N THR A 54 -4.69 12.13 -9.18
CA THR A 54 -3.48 12.20 -9.99
C THR A 54 -3.75 11.76 -11.42
N PRO A 55 -2.84 12.12 -12.33
CA PRO A 55 -2.92 11.59 -13.69
C PRO A 55 -2.08 10.31 -13.88
N ALA A 56 -2.11 9.42 -12.87
CA ALA A 56 -1.33 8.19 -12.91
C ALA A 56 -1.51 7.36 -14.17
N PHE A 57 -2.75 7.15 -14.62
CA PHE A 57 -2.95 6.37 -15.86
C PHE A 57 -2.25 7.03 -17.06
N GLU A 58 -2.43 8.34 -17.21
CA GLU A 58 -1.78 9.09 -18.27
C GLU A 58 -0.25 9.01 -18.16
N GLU A 59 0.27 9.11 -16.95
CA GLU A 59 1.71 9.09 -16.73
C GLU A 59 2.34 7.76 -17.12
N TYR A 60 1.62 6.66 -16.90
CA TYR A 60 2.16 5.33 -17.19
C TYR A 60 1.65 4.74 -18.52
N TYR A 61 0.88 5.53 -19.27
CA TYR A 61 0.44 5.10 -20.60
C TYR A 61 1.66 4.93 -21.51
N GLN A 62 1.71 3.79 -22.19
CA GLN A 62 2.82 3.43 -23.08
C GLN A 62 4.17 3.28 -22.37
N SER A 63 4.12 2.98 -21.07
CA SER A 63 5.32 2.74 -20.29
C SER A 63 5.86 1.32 -20.44
N GLY A 64 5.10 0.45 -21.11
CA GLY A 64 5.46 -0.96 -21.16
C GLY A 64 4.98 -1.73 -19.94
N LEU A 65 4.23 -1.05 -19.06
CA LEU A 65 3.68 -1.67 -17.86
C LEU A 65 2.16 -1.50 -17.83
N SER A 66 1.46 -2.53 -17.38
CA SER A 66 0.05 -2.40 -17.02
C SER A 66 -0.10 -1.65 -15.69
N VAL A 67 -1.26 -1.02 -15.49
CA VAL A 67 -1.56 -0.32 -14.24
C VAL A 67 -2.83 -0.92 -13.65
N ILE A 68 -2.75 -1.35 -12.40
CA ILE A 68 -3.86 -1.98 -11.71
C ILE A 68 -4.21 -1.14 -10.48
N MET A 69 -5.43 -0.61 -10.43
CA MET A 69 -5.90 0.13 -9.26
C MET A 69 -7.10 -0.58 -8.63
N PRO A 70 -6.87 -1.39 -7.59
CA PRO A 70 -8.04 -2.00 -6.92
C PRO A 70 -8.87 -0.90 -6.25
N VAL A 71 -10.18 -1.09 -6.21
CA VAL A 71 -11.07 -0.10 -5.62
C VAL A 71 -11.72 -0.65 -4.36
N GLY A 72 -11.69 0.14 -3.30
CA GLY A 72 -12.36 -0.21 -2.06
C GLY A 72 -11.40 -0.54 -0.94
N GLY A 73 -11.94 -1.12 0.13
CA GLY A 73 -11.11 -1.56 1.24
C GLY A 73 -10.70 -0.48 2.23
N GLN A 74 -11.60 0.46 2.51
CA GLN A 74 -11.36 1.48 3.52
C GLN A 74 -10.81 0.87 4.81
N SER A 75 -9.71 1.44 5.28
CA SER A 75 -9.09 1.02 6.55
C SER A 75 -8.65 -0.45 6.58
N SER A 76 -8.50 -1.09 5.42
CA SER A 76 -8.26 -2.54 5.39
C SER A 76 -6.82 -2.96 5.60
N PHE A 77 -5.89 -2.02 5.41
CA PHE A 77 -4.45 -2.30 5.35
C PHE A 77 -4.07 -3.35 4.30
N TYR A 78 -4.98 -3.61 3.36
CA TYR A 78 -4.76 -4.61 2.32
C TYR A 78 -4.25 -5.93 2.91
N THR A 79 -4.85 -6.31 4.04
CA THR A 79 -4.44 -7.48 4.80
C THR A 79 -5.61 -8.48 4.91
N ASP A 80 -5.30 -9.69 5.37
CA ASP A 80 -6.36 -10.65 5.73
C ASP A 80 -6.69 -10.46 7.20
N TRP A 81 -7.91 -10.02 7.48
CA TRP A 81 -8.39 -9.79 8.82
C TRP A 81 -8.76 -11.12 9.50
N TYR A 82 -8.65 -11.16 10.82
CA TYR A 82 -9.20 -12.29 11.57
C TYR A 82 -10.72 -12.43 11.38
N GLN A 83 -11.43 -11.31 11.37
CA GLN A 83 -12.89 -11.34 11.45
C GLN A 83 -13.45 -9.99 11.02
N PRO A 84 -14.79 -9.88 10.89
CA PRO A 84 -15.39 -8.60 10.52
C PRO A 84 -15.14 -7.53 11.58
N SER A 85 -15.09 -6.28 11.14
CA SER A 85 -15.07 -5.18 12.07
C SER A 85 -16.33 -5.18 12.91
N GLN A 86 -16.15 -5.18 14.23
CA GLN A 86 -17.22 -5.34 15.21
C GLN A 86 -17.82 -4.02 15.64
N SER A 87 -17.31 -2.92 15.09
CA SER A 87 -17.75 -1.59 15.49
CA SER A 87 -17.75 -1.58 15.50
C SER A 87 -18.67 -0.93 14.48
N ASN A 88 -18.81 -1.55 13.30
CA ASN A 88 -19.60 -0.94 12.24
C ASN A 88 -20.48 -1.93 11.48
N GLY A 89 -20.68 -3.12 12.03
CA GLY A 89 -21.57 -4.09 11.42
C GLY A 89 -21.11 -4.62 10.07
N GLN A 90 -19.80 -4.63 9.84
CA GLN A 90 -19.28 -5.17 8.58
C GLN A 90 -19.76 -6.62 8.45
N ASN A 91 -20.35 -6.96 7.31
CA ASN A 91 -21.03 -8.26 7.18
C ASN A 91 -20.25 -9.34 6.42
N TYR A 92 -18.93 -9.17 6.41
CA TYR A 92 -17.99 -10.13 5.85
C TYR A 92 -16.63 -9.80 6.43
N THR A 93 -15.65 -10.63 6.13
CA THR A 93 -14.28 -10.43 6.62
C THR A 93 -13.38 -9.95 5.47
N TYR A 94 -12.69 -8.84 5.68
CA TYR A 94 -11.70 -8.39 4.72
C TYR A 94 -10.63 -9.48 4.53
N LYS A 95 -10.38 -9.85 3.28
CA LYS A 95 -9.34 -10.83 2.92
C LYS A 95 -8.55 -10.28 1.74
N TRP A 96 -7.99 -9.09 1.94
CA TRP A 96 -7.36 -8.37 0.85
C TRP A 96 -5.99 -8.92 0.48
N GLU A 97 -5.29 -9.57 1.40
CA GLU A 97 -4.04 -10.23 1.02
C GLU A 97 -4.34 -11.41 0.10
N THR A 98 -5.34 -12.22 0.47
CA THR A 98 -5.77 -13.32 -0.39
C THR A 98 -6.21 -12.80 -1.76
N PHE A 99 -6.97 -11.70 -1.78
CA PHE A 99 -7.40 -11.14 -3.05
C PHE A 99 -6.21 -10.69 -3.91
N LEU A 100 -5.28 -9.94 -3.33
CA LEU A 100 -4.18 -9.36 -4.11
C LEU A 100 -3.14 -10.39 -4.55
N THR A 101 -2.99 -11.47 -3.80
CA THR A 101 -1.92 -12.43 -4.06
C THR A 101 -2.39 -13.71 -4.75
N ARG A 102 -3.69 -13.95 -4.75
CA ARG A 102 -4.24 -15.18 -5.32
C ARG A 102 -5.38 -14.92 -6.29
N GLU A 103 -6.48 -14.35 -5.79
CA GLU A 103 -7.69 -14.22 -6.59
C GLU A 103 -7.50 -13.26 -7.77
N MET A 104 -7.04 -12.05 -7.48
CA MET A 104 -6.90 -11.05 -8.53
C MET A 104 -5.84 -11.43 -9.58
N PRO A 105 -4.64 -11.89 -9.16
CA PRO A 105 -3.68 -12.20 -10.23
C PRO A 105 -4.13 -13.38 -11.10
N ALA A 106 -4.81 -14.37 -10.53
CA ALA A 106 -5.30 -15.47 -11.36
C ALA A 106 -6.31 -14.95 -12.40
N TRP A 107 -7.20 -14.07 -11.98
CA TRP A 107 -8.21 -13.53 -12.86
C TRP A 107 -7.59 -12.64 -13.95
N LEU A 108 -6.63 -11.81 -13.57
CA LEU A 108 -5.98 -10.92 -14.53
C LEU A 108 -5.13 -11.68 -15.55
N GLN A 109 -4.57 -12.81 -15.14
CA GLN A 109 -3.84 -13.65 -16.08
C GLN A 109 -4.79 -14.23 -17.12
N ALA A 110 -5.89 -14.82 -16.65
CA ALA A 110 -6.85 -15.49 -17.54
C ALA A 110 -7.59 -14.52 -18.45
N ASN A 111 -7.88 -13.33 -17.95
CA ASN A 111 -8.76 -12.40 -18.64
C ASN A 111 -8.05 -11.24 -19.30
N LYS A 112 -6.82 -10.94 -18.87
CA LYS A 112 -6.11 -9.77 -19.39
C LYS A 112 -4.66 -10.05 -19.77
N GLY A 113 -4.20 -11.28 -19.61
CA GLY A 113 -2.84 -11.64 -20.00
C GLY A 113 -1.75 -11.04 -19.13
N VAL A 114 -2.09 -10.63 -17.90
CA VAL A 114 -1.10 -10.07 -16.99
C VAL A 114 -0.39 -11.18 -16.22
N SER A 115 0.94 -11.12 -16.14
CA SER A 115 1.69 -12.11 -15.39
C SER A 115 1.48 -12.00 -13.88
N PRO A 116 1.23 -13.14 -13.21
CA PRO A 116 1.11 -13.10 -11.74
C PRO A 116 2.44 -12.84 -11.04
N THR A 117 3.55 -12.90 -11.78
CA THR A 117 4.87 -12.68 -11.17
C THR A 117 5.59 -11.49 -11.81
N GLY A 118 6.55 -10.93 -11.08
CA GLY A 118 7.41 -9.89 -11.61
C GLY A 118 6.79 -8.51 -11.69
N ASN A 119 6.02 -8.17 -10.66
CA ASN A 119 5.28 -6.91 -10.61
C ASN A 119 5.79 -5.97 -9.52
N ALA A 120 5.21 -4.78 -9.45
CA ALA A 120 5.55 -3.80 -8.41
C ALA A 120 4.30 -3.47 -7.58
N ALA A 121 4.49 -3.37 -6.27
CA ALA A 121 3.42 -2.90 -5.37
C ALA A 121 3.79 -1.50 -4.89
N VAL A 122 2.91 -0.53 -5.09
CA VAL A 122 3.15 0.87 -4.72
C VAL A 122 2.01 1.33 -3.83
N GLY A 123 2.33 1.70 -2.59
CA GLY A 123 1.31 2.12 -1.64
C GLY A 123 1.63 3.44 -0.97
N LEU A 124 0.60 4.06 -0.39
CA LEU A 124 0.77 5.31 0.32
C LEU A 124 -0.09 5.28 1.58
N SER A 125 0.35 6.04 2.58
CA SER A 125 -0.34 6.10 3.86
C SER A 125 -0.50 4.65 4.34
N MET A 126 -1.73 4.28 4.66
CA MET A 126 -2.04 2.94 5.10
C MET A 126 -1.34 1.83 4.27
N SER A 127 -1.35 1.99 2.95
CA SER A 127 -0.84 0.91 2.09
C SER A 127 0.66 0.96 1.79
N GLY A 128 1.38 1.94 2.32
CA GLY A 128 2.83 1.93 2.18
C GLY A 128 3.44 0.70 2.83
N GLY A 129 3.06 0.45 4.08
CA GLY A 129 3.47 -0.76 4.76
C GLY A 129 2.94 -1.99 4.05
N SER A 130 1.70 -1.96 3.58
CA SER A 130 1.14 -3.09 2.85
C SER A 130 2.05 -3.52 1.70
N ALA A 131 2.51 -2.53 0.92
CA ALA A 131 3.35 -2.83 -0.24
C ALA A 131 4.63 -3.58 0.17
N LEU A 132 5.25 -3.11 1.23
CA LEU A 132 6.46 -3.74 1.73
C LEU A 132 6.19 -5.15 2.28
N ILE A 133 5.07 -5.34 2.98
CA ILE A 133 4.70 -6.64 3.50
C ILE A 133 4.37 -7.63 2.37
N LEU A 134 3.66 -7.16 1.35
CA LEU A 134 3.38 -8.00 0.19
C LEU A 134 4.68 -8.48 -0.46
N ALA A 135 5.66 -7.59 -0.61
CA ALA A 135 6.96 -7.99 -1.16
C ALA A 135 7.72 -8.92 -0.22
N ALA A 136 7.62 -8.69 1.08
CA ALA A 136 8.29 -9.52 2.07
C ALA A 136 7.84 -10.99 2.01
N TYR A 137 6.54 -11.21 1.84
CA TYR A 137 5.99 -12.57 1.86
C TYR A 137 5.74 -13.16 0.47
N TYR A 138 5.69 -12.33 -0.56
CA TYR A 138 5.42 -12.78 -1.94
C TYR A 138 6.46 -12.20 -2.90
N PRO A 139 7.75 -12.53 -2.70
CA PRO A 139 8.81 -11.89 -3.48
C PRO A 139 8.75 -12.19 -4.98
N GLN A 140 8.24 -13.37 -5.36
CA GLN A 140 8.10 -13.68 -6.78
C GLN A 140 7.05 -12.79 -7.45
N GLN A 141 5.99 -12.48 -6.71
CA GLN A 141 4.96 -11.58 -7.22
C GLN A 141 5.46 -10.13 -7.27
N PHE A 142 6.19 -9.72 -6.24
CA PHE A 142 6.62 -8.33 -6.08
C PHE A 142 8.13 -8.19 -5.82
N PRO A 143 8.93 -8.23 -6.88
CA PRO A 143 10.36 -7.91 -6.72
C PRO A 143 10.61 -6.42 -6.41
N TYR A 144 9.58 -5.59 -6.55
CA TYR A 144 9.69 -4.14 -6.36
C TYR A 144 8.54 -3.68 -5.46
N ALA A 145 8.85 -2.87 -4.43
CA ALA A 145 7.80 -2.32 -3.56
C ALA A 145 8.13 -0.88 -3.20
N ALA A 146 7.13 0.00 -3.25
CA ALA A 146 7.27 1.39 -2.82
C ALA A 146 6.32 1.70 -1.68
N SER A 147 6.84 2.38 -0.65
CA SER A 147 6.04 2.86 0.48
C SER A 147 6.17 4.37 0.54
N LEU A 148 5.06 5.06 0.34
CA LEU A 148 5.04 6.52 0.33
C LEU A 148 4.26 7.00 1.56
N SER A 149 4.95 7.60 2.53
CA SER A 149 4.30 8.01 3.78
C SER A 149 3.63 6.82 4.49
N GLY A 150 4.22 5.65 4.41
CA GLY A 150 3.67 4.47 5.08
C GLY A 150 3.93 4.44 6.58
N PHE A 151 3.28 3.51 7.27
N PHE A 151 3.22 3.53 7.25
CA PHE A 151 3.50 3.34 8.69
CA PHE A 151 3.44 3.19 8.66
C PHE A 151 4.47 2.16 8.85
C PHE A 151 4.52 2.12 8.72
N LEU A 152 5.74 2.50 9.07
CA LEU A 152 6.84 1.54 8.94
C LEU A 152 7.12 0.66 10.15
N ASN A 153 6.48 0.94 11.29
CA ASN A 153 6.71 0.12 12.49
C ASN A 153 5.38 0.00 13.28
N PRO A 154 4.32 -0.52 12.63
CA PRO A 154 2.98 -0.46 13.21
C PRO A 154 2.81 -1.19 14.54
N SER A 155 3.68 -2.15 14.85
CA SER A 155 3.56 -2.91 16.09
C SER A 155 4.23 -2.25 17.29
N GLU A 156 4.98 -1.18 17.06
CA GLU A 156 5.84 -0.61 18.08
C GLU A 156 5.22 0.59 18.81
N GLY A 157 5.47 0.66 20.12
CA GLY A 157 5.17 1.85 20.89
C GLY A 157 3.69 2.21 20.88
N TRP A 158 3.40 3.46 20.54
CA TRP A 158 2.03 3.95 20.44
C TRP A 158 1.39 3.65 19.09
N TRP A 159 2.13 3.09 18.14
CA TRP A 159 1.56 2.91 16.79
C TRP A 159 0.27 2.07 16.74
N PRO A 160 0.20 0.93 17.48
CA PRO A 160 -1.10 0.21 17.38
C PRO A 160 -2.28 1.05 17.84
N THR A 161 -2.09 1.86 18.87
CA THR A 161 -3.14 2.74 19.37
C THR A 161 -3.49 3.82 18.35
N LEU A 162 -2.47 4.45 17.79
CA LEU A 162 -2.66 5.52 16.82
C LEU A 162 -3.31 5.01 15.54
N ILE A 163 -2.90 3.83 15.07
CA ILE A 163 -3.52 3.20 13.91
C ILE A 163 -4.99 2.85 14.20
N GLY A 164 -5.26 2.31 15.38
CA GLY A 164 -6.63 2.02 15.78
C GLY A 164 -7.52 3.26 15.77
N LEU A 165 -7.00 4.37 16.27
CA LEU A 165 -7.76 5.62 16.28
C LEU A 165 -8.11 6.05 14.86
N ALA A 166 -7.12 5.98 13.97
CA ALA A 166 -7.32 6.38 12.58
C ALA A 166 -8.32 5.47 11.87
N MET A 167 -8.22 4.16 12.10
CA MET A 167 -9.15 3.22 11.48
C MET A 167 -10.58 3.44 11.96
N ASN A 168 -10.76 3.74 13.25
CA ASN A 168 -12.08 4.03 13.75
C ASN A 168 -12.66 5.30 13.14
N ASP A 169 -11.82 6.31 12.99
CA ASP A 169 -12.25 7.56 12.37
C ASP A 169 -12.58 7.37 10.88
N SER A 170 -11.86 6.45 10.23
CA SER A 170 -12.05 6.19 8.81
C SER A 170 -13.05 5.04 8.61
N GLY A 171 -14.33 5.30 8.86
CA GLY A 171 -15.39 4.35 8.57
C GLY A 171 -15.76 3.42 9.72
N GLY A 172 -15.19 3.64 10.90
CA GLY A 172 -15.55 2.88 12.07
C GLY A 172 -15.02 1.46 12.10
N TYR A 173 -13.82 1.26 11.57
CA TYR A 173 -13.19 -0.06 11.52
C TYR A 173 -12.34 -0.32 12.78
N ASN A 174 -12.48 -1.50 13.35
CA ASN A 174 -11.82 -1.86 14.61
C ASN A 174 -10.55 -2.68 14.37
N ALA A 175 -9.39 -2.13 14.75
CA ALA A 175 -8.10 -2.80 14.54
C ALA A 175 -8.02 -4.16 15.24
N ASN A 176 -8.77 -4.34 16.33
CA ASN A 176 -8.76 -5.62 17.01
C ASN A 176 -9.26 -6.78 16.14
N SER A 177 -10.22 -6.46 15.26
CA SER A 177 -10.78 -7.46 14.36
C SER A 177 -9.77 -7.83 13.26
N MET A 178 -8.84 -6.91 13.00
CA MET A 178 -7.84 -7.06 11.93
C MET A 178 -6.69 -7.96 12.38
N TRP A 179 -5.93 -7.47 13.36
CA TRP A 179 -4.72 -8.16 13.81
C TRP A 179 -4.75 -8.54 15.30
N GLY A 180 -5.92 -8.43 15.92
CA GLY A 180 -6.04 -8.75 17.34
C GLY A 180 -5.53 -7.64 18.23
N PRO A 181 -5.41 -7.90 19.54
CA PRO A 181 -4.79 -6.91 20.42
C PRO A 181 -3.33 -6.73 20.01
N SER A 182 -2.68 -5.67 20.48
CA SER A 182 -1.32 -5.36 20.02
C SER A 182 -0.28 -6.42 20.37
N SER A 183 -0.60 -7.29 21.33
CA SER A 183 0.26 -8.42 21.69
C SER A 183 0.16 -9.61 20.73
N ASP A 184 -0.84 -9.61 19.85
CA ASP A 184 -1.08 -10.71 18.93
C ASP A 184 0.05 -10.79 17.89
N PRO A 185 0.47 -12.01 17.50
CA PRO A 185 1.56 -12.16 16.50
C PRO A 185 1.29 -11.46 15.17
N ALA A 186 0.04 -11.20 14.82
CA ALA A 186 -0.27 -10.58 13.54
C ALA A 186 0.31 -9.18 13.42
N TRP A 187 0.43 -8.46 14.54
CA TRP A 187 1.03 -7.12 14.48
C TRP A 187 2.49 -7.16 14.01
N LYS A 188 3.30 -8.05 14.59
CA LYS A 188 4.70 -8.15 14.17
C LYS A 188 4.83 -8.76 12.77
N ARG A 189 3.94 -9.71 12.44
CA ARG A 189 3.97 -10.36 11.13
C ARG A 189 3.86 -9.31 10.03
N ASN A 190 3.00 -8.33 10.26
CA ASN A 190 2.68 -7.30 9.29
C ASN A 190 3.42 -5.97 9.49
N ASP A 191 4.54 -6.03 10.20
CA ASP A 191 5.31 -4.83 10.52
C ASP A 191 6.54 -4.77 9.61
N PRO A 192 6.61 -3.76 8.70
CA PRO A 192 7.77 -3.71 7.79
C PRO A 192 9.14 -3.69 8.48
N MET A 193 9.25 -2.93 9.57
CA MET A 193 10.48 -2.90 10.35
C MET A 193 10.88 -4.30 10.79
N VAL A 194 9.92 -5.04 11.35
CA VAL A 194 10.19 -6.39 11.84
C VAL A 194 10.56 -7.33 10.68
N GLN A 195 10.00 -7.08 9.50
CA GLN A 195 10.24 -7.93 8.34
C GLN A 195 11.39 -7.46 7.44
N ILE A 196 12.16 -6.48 7.90
CA ILE A 196 13.37 -6.08 7.18
C ILE A 196 14.26 -7.28 6.76
N PRO A 197 14.48 -8.26 7.67
CA PRO A 197 15.30 -9.39 7.21
C PRO A 197 14.77 -10.14 6.00
N ARG A 198 13.45 -10.23 5.83
CA ARG A 198 12.89 -10.82 4.62
C ARG A 198 13.16 -9.96 3.39
N LEU A 199 12.97 -8.65 3.52
CA LEU A 199 13.27 -7.72 2.43
C LEU A 199 14.74 -7.82 2.00
N VAL A 200 15.62 -7.96 2.99
CA VAL A 200 17.05 -8.11 2.69
C VAL A 200 17.33 -9.47 2.04
N ALA A 201 16.83 -10.55 2.62
CA ALA A 201 17.09 -11.89 2.09
C ALA A 201 16.64 -12.01 0.65
N ASN A 202 15.49 -11.43 0.33
CA ASN A 202 14.98 -11.52 -1.03
C ASN A 202 15.52 -10.47 -1.97
N ASN A 203 16.36 -9.58 -1.44
CA ASN A 203 16.89 -8.46 -2.20
C ASN A 203 15.80 -7.66 -2.91
N THR A 204 14.68 -7.46 -2.24
CA THR A 204 13.60 -6.65 -2.75
C THR A 204 14.12 -5.25 -3.10
N ARG A 205 13.71 -4.75 -4.25
CA ARG A 205 13.99 -3.35 -4.58
C ARG A 205 12.93 -2.52 -3.87
N ILE A 206 13.32 -1.74 -2.87
CA ILE A 206 12.36 -0.89 -2.16
C ILE A 206 12.58 0.58 -2.46
N TRP A 207 11.49 1.32 -2.53
CA TRP A 207 11.50 2.77 -2.74
C TRP A 207 10.71 3.36 -1.59
N VAL A 208 11.33 4.17 -0.75
CA VAL A 208 10.68 4.72 0.43
C VAL A 208 10.64 6.24 0.34
N TYR A 209 9.44 6.81 0.47
CA TYR A 209 9.28 8.25 0.60
C TYR A 209 8.86 8.60 2.01
N CYS A 210 9.62 9.49 2.62
CA CYS A 210 9.33 10.04 3.91
C CYS A 210 8.83 11.48 3.72
N GLY A 211 7.68 11.78 4.30
CA GLY A 211 7.14 13.13 4.22
C GLY A 211 7.35 13.95 5.48
N ASN A 212 7.14 15.26 5.36
CA ASN A 212 7.20 16.20 6.47
C ASN A 212 5.84 16.74 6.80
N GLY A 213 5.71 17.29 8.00
CA GLY A 213 4.57 18.11 8.33
C GLY A 213 3.31 17.37 8.75
N THR A 214 2.17 18.05 8.59
CA THR A 214 0.87 17.54 9.01
C THR A 214 0.63 16.10 8.58
N PRO A 215 0.44 15.21 9.57
CA PRO A 215 0.25 13.77 9.36
C PRO A 215 -0.92 13.46 8.43
N SER A 216 -0.78 12.36 7.69
CA SER A 216 -1.89 11.86 6.87
C SER A 216 -2.44 10.61 7.53
N ASP A 217 -3.74 10.61 7.78
CA ASP A 217 -4.45 9.41 8.23
C ASP A 217 -3.87 8.82 9.51
N LEU A 218 -3.72 9.65 10.54
CA LEU A 218 -3.00 9.22 11.74
C LEU A 218 -3.56 9.78 13.04
N GLY A 219 -3.75 8.89 14.02
CA GLY A 219 -4.29 9.28 15.31
C GLY A 219 -5.72 9.79 15.24
N GLY A 220 -6.07 10.65 16.18
CA GLY A 220 -7.41 11.22 16.23
C GLY A 220 -7.41 12.65 16.74
N ASP A 221 -8.59 13.12 17.17
CA ASP A 221 -8.79 14.50 17.59
C ASP A 221 -7.93 14.93 18.78
N ASN A 222 -7.60 13.99 19.66
CA ASN A 222 -6.85 14.30 20.87
C ASN A 222 -5.35 14.48 20.64
N ILE A 223 -4.83 13.98 19.53
CA ILE A 223 -3.39 13.86 19.35
C ILE A 223 -2.76 15.15 18.81
N PRO A 224 -1.82 15.75 19.56
CA PRO A 224 -1.13 16.94 19.03
C PRO A 224 -0.32 16.63 17.77
N ALA A 225 -0.45 17.48 16.76
CA ALA A 225 0.25 17.28 15.48
C ALA A 225 1.75 17.14 15.68
N LYS A 226 2.35 17.98 16.50
CA LYS A 226 3.79 17.93 16.73
C LYS A 226 4.25 16.60 17.32
N PHE A 227 3.44 16.02 18.19
CA PHE A 227 3.77 14.71 18.78
C PHE A 227 3.83 13.65 17.68
N LEU A 228 2.81 13.63 16.83
CA LEU A 228 2.72 12.68 15.73
C LEU A 228 3.86 12.87 14.72
N GLU A 229 4.14 14.13 14.40
CA GLU A 229 5.24 14.44 13.47
C GLU A 229 6.58 13.92 13.99
N GLY A 230 6.82 14.08 15.29
CA GLY A 230 8.05 13.57 15.89
C GLY A 230 8.16 12.06 15.86
N LEU A 231 7.07 11.36 16.16
CA LEU A 231 7.05 9.91 16.10
C LEU A 231 7.33 9.40 14.69
N THR A 232 6.72 10.05 13.71
CA THR A 232 6.88 9.66 12.32
C THR A 232 8.34 9.82 11.87
N LEU A 233 8.94 10.97 12.21
CA LEU A 233 10.33 11.20 11.87
C LEU A 233 11.24 10.13 12.46
N ARG A 234 11.08 9.86 13.75
CA ARG A 234 11.96 8.92 14.42
C ARG A 234 11.77 7.49 13.90
N THR A 235 10.53 7.10 13.63
CA THR A 235 10.27 5.78 13.06
C THR A 235 10.89 5.66 11.65
N ASN A 236 10.76 6.70 10.84
CA ASN A 236 11.35 6.67 9.51
C ASN A 236 12.88 6.56 9.56
N GLN A 237 13.51 7.34 10.44
CA GLN A 237 14.96 7.24 10.64
C GLN A 237 15.36 5.84 11.07
N THR A 238 14.60 5.28 12.01
CA THR A 238 14.89 3.95 12.51
C THR A 238 14.76 2.91 11.40
N PHE A 239 13.76 3.04 10.54
CA PHE A 239 13.59 2.09 9.44
C PHE A 239 14.79 2.15 8.49
N ARG A 240 15.13 3.35 8.02
CA ARG A 240 16.25 3.51 7.10
C ARG A 240 17.55 2.97 7.70
N ASP A 241 17.80 3.28 8.96
CA ASP A 241 19.03 2.84 9.61
C ASP A 241 19.05 1.33 9.85
N THR A 242 17.92 0.77 10.25
CA THR A 242 17.81 -0.66 10.51
C THR A 242 17.94 -1.47 9.21
N TYR A 243 17.37 -0.95 8.13
CA TYR A 243 17.52 -1.59 6.83
C TYR A 243 19.02 -1.74 6.48
N ALA A 244 19.78 -0.66 6.65
CA ALA A 244 21.22 -0.70 6.37
C ALA A 244 21.93 -1.65 7.34
N ALA A 245 21.60 -1.56 8.62
CA ALA A 245 22.27 -2.38 9.64
C ALA A 245 22.05 -3.88 9.44
N ASP A 246 20.89 -4.24 8.90
CA ASP A 246 20.55 -5.63 8.65
C ASP A 246 21.08 -6.14 7.31
N GLY A 247 21.85 -5.32 6.61
CA GLY A 247 22.48 -5.74 5.37
C GLY A 247 21.76 -5.31 4.11
N GLY A 248 20.71 -4.49 4.26
CA GLY A 248 19.96 -4.00 3.11
C GLY A 248 20.78 -3.02 2.27
N ARG A 249 20.71 -3.19 0.96
CA ARG A 249 21.48 -2.34 0.05
C ARG A 249 20.76 -2.08 -1.27
N ASN A 250 19.47 -2.39 -1.33
CA ASN A 250 18.69 -2.26 -2.55
C ASN A 250 17.50 -1.31 -2.36
N GLY A 251 17.67 -0.31 -1.49
CA GLY A 251 16.60 0.62 -1.15
C GLY A 251 16.92 2.06 -1.53
N VAL A 252 15.98 2.68 -2.24
CA VAL A 252 16.07 4.09 -2.62
C VAL A 252 15.19 4.91 -1.69
N PHE A 253 15.80 5.77 -0.90
CA PHE A 253 15.10 6.60 0.07
C PHE A 253 14.96 8.02 -0.46
N ASN A 254 13.88 8.68 -0.07
CA ASN A 254 13.51 10.00 -0.60
C ASN A 254 12.94 10.82 0.55
N PHE A 255 13.55 11.97 0.82
CA PHE A 255 13.11 12.82 1.92
C PHE A 255 13.30 14.28 1.52
N PRO A 256 12.56 14.75 0.50
CA PRO A 256 12.75 16.15 0.09
C PRO A 256 12.29 17.10 1.19
N PRO A 257 13.05 18.19 1.41
CA PRO A 257 12.72 19.11 2.51
C PRO A 257 11.29 19.67 2.46
N ASN A 258 10.77 19.90 1.26
CA ASN A 258 9.44 20.46 1.11
C ASN A 258 8.31 19.42 1.00
N GLY A 259 8.69 18.14 0.99
CA GLY A 259 7.72 17.08 0.78
C GLY A 259 6.74 16.97 1.92
N THR A 260 5.46 16.82 1.58
CA THR A 260 4.43 16.60 2.58
C THR A 260 3.72 15.28 2.33
N HIS A 261 2.83 14.90 3.25
CA HIS A 261 2.03 13.69 3.11
C HIS A 261 0.78 14.05 2.30
N SER A 262 0.93 14.14 0.99
CA SER A 262 -0.15 14.63 0.14
C SER A 262 -0.03 14.09 -1.26
N TRP A 263 -1.17 14.03 -1.96
CA TRP A 263 -1.22 13.49 -3.32
C TRP A 263 -0.24 14.12 -4.33
N PRO A 264 -0.02 15.45 -4.31
CA PRO A 264 0.95 15.98 -5.28
C PRO A 264 2.36 15.40 -5.10
N TYR A 265 2.82 15.24 -3.86
CA TYR A 265 4.13 14.65 -3.62
C TYR A 265 4.15 13.14 -3.86
N TRP A 266 3.08 12.44 -3.51
CA TRP A 266 3.01 11.03 -3.81
C TRP A 266 3.04 10.79 -5.33
N ASN A 267 2.34 11.64 -6.09
CA ASN A 267 2.41 11.56 -7.54
C ASN A 267 3.80 11.87 -8.08
N GLU A 268 4.46 12.86 -7.51
CA GLU A 268 5.84 13.16 -7.92
C GLU A 268 6.73 11.95 -7.73
N GLN A 269 6.53 11.21 -6.64
CA GLN A 269 7.30 9.98 -6.40
C GLN A 269 6.97 8.91 -7.44
N LEU A 270 5.68 8.74 -7.74
CA LEU A 270 5.26 7.79 -8.77
C LEU A 270 5.93 8.09 -10.11
N VAL A 271 5.98 9.37 -10.47
CA VAL A 271 6.64 9.78 -11.70
C VAL A 271 8.15 9.52 -11.62
N ALA A 272 8.75 9.87 -10.48
CA ALA A 272 10.19 9.70 -10.29
C ALA A 272 10.66 8.26 -10.35
N MET A 273 9.81 7.31 -9.94
CA MET A 273 10.19 5.91 -9.91
C MET A 273 9.93 5.14 -11.21
N LYS A 274 9.32 5.80 -12.20
CA LYS A 274 8.91 5.07 -13.41
C LYS A 274 10.07 4.36 -14.11
N ALA A 275 11.16 5.09 -14.36
CA ALA A 275 12.31 4.49 -15.04
C ALA A 275 12.91 3.34 -14.23
N ASP A 276 12.96 3.53 -12.90
CA ASP A 276 13.44 2.51 -11.98
C ASP A 276 12.61 1.22 -12.14
N ILE A 277 11.29 1.34 -12.06
CA ILE A 277 10.42 0.19 -12.21
C ILE A 277 10.57 -0.46 -13.59
N GLN A 278 10.61 0.35 -14.64
CA GLN A 278 10.80 -0.18 -15.99
C GLN A 278 12.07 -1.03 -16.08
N HIS A 279 13.16 -0.53 -15.51
CA HIS A 279 14.44 -1.24 -15.53
C HIS A 279 14.36 -2.55 -14.72
N VAL A 280 13.78 -2.47 -13.53
CA VAL A 280 13.77 -3.65 -12.66
C VAL A 280 12.83 -4.74 -13.21
N LEU A 281 11.67 -4.33 -13.69
CA LEU A 281 10.66 -5.29 -14.13
C LEU A 281 10.81 -5.77 -15.58
N ASN A 282 11.28 -4.89 -16.46
CA ASN A 282 11.31 -5.18 -17.88
C ASN A 282 12.71 -5.27 -18.48
N GLY A 283 13.72 -4.96 -17.68
CA GLY A 283 15.10 -5.05 -18.13
C GLY A 283 15.57 -3.75 -18.75
#